data_2P3D
#
_entry.id   2P3D
#
_cell.length_a   61.253
_cell.length_b   61.253
_cell.length_c   82.231
_cell.angle_alpha   90.000
_cell.angle_beta   90.000
_cell.angle_gamma   120.000
#
_symmetry.space_group_name_H-M   'P 61'
#
loop_
_entity.id
_entity.type
_entity.pdbx_description
1 polymer 'Pol protein'
2 non-polymer 'benzyl [(1S,4S,7S,8R,9R,10S,13S,16S)-7,10-dibenzyl-8,9-dihydroxy-1,16-dimethyl-4,13-bis(1-methylethyl)-2,5,12,15,18-pentaoxo-20-phenyl-19-oxa-3,6,11,14,17-pentaazaicos-1-yl]carbamate'
3 water water
#
_entity_poly.entity_id   1
_entity_poly.type   'polypeptide(L)'
_entity_poly.pdbx_seq_one_letter_code
;PQITLWKRPIVTIKVEGQLREALLDTGADDTVLEDINLSGKWKPKIIGGIRGFVKVKQYEDILIEICGHRAVGAVLVGPT
PANIIGRNMLTQIGCTLNF
;
_entity_poly.pdbx_strand_id   A,B
#
loop_
_chem_comp.id
_chem_comp.type
_chem_comp.name
_chem_comp.formula
3TL peptide-like 'benzyl [(1S,4S,7S,8R,9R,10S,13S,16S)-7,10-dibenzyl-8,9-dihydroxy-1,16-dimethyl-4,13-bis(1-methylethyl)-2,5,12,15,18-pentaoxo-20-phenyl-19-oxa-3,6,11,14,17-pentaazaicos-1-yl]carbamate' 'C50 H64 N6 O10'
#
# COMPACT_ATOMS: atom_id res chain seq x y z
N PRO A 1 -17.53 -4.54 3.29
CA PRO A 1 -17.19 -5.68 4.13
C PRO A 1 -16.03 -5.35 5.06
N GLN A 2 -15.52 -6.36 5.78
CA GLN A 2 -14.36 -6.16 6.61
C GLN A 2 -13.29 -7.10 6.11
N ILE A 3 -12.21 -6.55 5.55
CA ILE A 3 -11.16 -7.35 4.96
C ILE A 3 -9.97 -7.42 5.93
N THR A 4 -9.67 -8.62 6.46
CA THR A 4 -8.47 -8.78 7.30
C THR A 4 -7.29 -8.85 6.36
N LEU A 5 -6.10 -8.69 6.93
CA LEU A 5 -4.93 -8.50 6.10
C LEU A 5 -3.99 -9.70 6.12
N TRP A 6 -4.54 -10.84 6.53
CA TRP A 6 -3.79 -12.10 6.50
C TRP A 6 -3.38 -12.50 5.10
N LYS A 7 -4.22 -12.25 4.11
CA LYS A 7 -3.77 -12.34 2.71
C LYS A 7 -3.88 -10.94 2.05
N ARG A 8 -3.40 -10.81 0.82
CA ARG A 8 -3.45 -9.54 0.10
C ARG A 8 -4.91 -9.17 -0.03
N PRO A 9 -5.31 -7.93 0.32
CA PRO A 9 -6.70 -7.51 0.21
C PRO A 9 -7.09 -7.23 -1.25
N ILE A 10 -7.11 -8.28 -2.06
CA ILE A 10 -7.50 -8.16 -3.47
C ILE A 10 -9.01 -8.13 -3.56
N VAL A 11 -9.58 -7.27 -4.40
CA VAL A 11 -11.02 -7.25 -4.62
C VAL A 11 -11.37 -7.17 -6.08
N THR A 12 -12.61 -7.55 -6.39
CA THR A 12 -13.13 -7.45 -7.74
C THR A 12 -13.49 -6.00 -8.07
N ILE A 13 -13.01 -5.54 -9.21
CA ILE A 13 -13.40 -4.27 -9.75
C ILE A 13 -13.93 -4.46 -11.16
N LYS A 14 -14.73 -3.50 -11.57
CA LYS A 14 -15.35 -3.51 -12.88
C LYS A 14 -15.01 -2.16 -13.45
N VAL A 15 -14.20 -2.16 -14.50
CA VAL A 15 -13.81 -0.92 -15.15
C VAL A 15 -14.14 -1.08 -16.62
N GLU A 16 -15.23 -0.42 -17.05
CA GLU A 16 -15.64 -0.40 -18.46
C GLU A 16 -15.80 -1.79 -19.02
N GLY A 17 -16.79 -2.54 -18.53
CA GLY A 17 -17.06 -3.88 -19.06
C GLY A 17 -15.91 -4.87 -18.85
N GLN A 18 -14.92 -4.47 -18.06
CA GLN A 18 -13.82 -5.36 -17.76
C GLN A 18 -13.69 -5.65 -16.28
N LEU A 19 -13.74 -6.93 -15.97
CA LEU A 19 -13.55 -7.34 -14.60
C LEU A 19 -12.10 -7.44 -14.36
N ARG A 20 -11.65 -6.81 -13.30
CA ARG A 20 -10.30 -7.06 -12.86
C ARG A 20 -10.28 -7.34 -11.39
N GLU A 21 -9.13 -7.83 -10.97
CA GLU A 21 -8.83 -7.90 -9.56
C GLU A 21 -7.84 -6.84 -9.14
N ALA A 22 -8.23 -6.02 -8.19
CA ALA A 22 -7.33 -4.98 -7.75
C ALA A 22 -7.03 -5.13 -6.27
N LEU A 23 -5.88 -4.62 -5.86
CA LEU A 23 -5.47 -4.68 -4.49
C LEU A 23 -5.89 -3.36 -3.86
N LEU A 24 -6.53 -3.43 -2.69
CA LEU A 24 -6.96 -2.25 -1.97
C LEU A 24 -5.76 -1.78 -1.20
N ASP A 25 -5.22 -0.65 -1.60
CA ASP A 25 -3.86 -0.29 -1.18
C ASP A 25 -3.73 1.00 -0.39
N THR A 26 -3.69 0.93 0.93
CA THR A 26 -3.70 2.17 1.70
C THR A 26 -2.41 2.97 1.56
N GLY A 27 -1.37 2.33 1.05
CA GLY A 27 -0.08 2.99 0.82
C GLY A 27 0.05 3.52 -0.58
N ALA A 28 -1.08 3.71 -1.28
CA ALA A 28 -1.05 4.31 -2.63
C ALA A 28 -1.92 5.56 -2.72
N ASP A 29 -1.31 6.69 -3.01
CA ASP A 29 -2.04 7.93 -3.17
C ASP A 29 -3.05 7.74 -4.26
N ASP A 30 -2.58 7.14 -5.35
CA ASP A 30 -3.34 7.04 -6.57
C ASP A 30 -3.76 5.60 -6.85
N THR A 31 -4.62 5.43 -7.84
CA THR A 31 -5.05 4.14 -8.28
C THR A 31 -4.34 3.86 -9.55
N VAL A 32 -3.83 2.64 -9.71
CA VAL A 32 -2.99 2.31 -10.87
C VAL A 32 -3.47 1.03 -11.46
N LEU A 33 -3.87 1.10 -12.71
CA LEU A 33 -4.40 -0.07 -13.37
C LEU A 33 -3.41 -0.60 -14.34
N GLU A 34 -3.26 -1.92 -14.28
CA GLU A 34 -2.22 -2.61 -15.00
C GLU A 34 -2.64 -3.00 -16.43
N ASP A 35 -2.07 -2.24 -17.38
CA ASP A 35 -2.08 -2.55 -18.82
C ASP A 35 -3.46 -2.87 -19.42
N ILE A 36 -4.49 -2.14 -19.01
CA ILE A 36 -5.83 -2.32 -19.53
C ILE A 36 -6.47 -1.05 -20.12
N ASN A 37 -6.45 -1.00 -21.45
CA ASN A 37 -6.91 0.14 -22.24
C ASN A 37 -8.22 0.78 -21.79
N LEU A 38 -8.15 2.07 -21.50
CA LEU A 38 -9.33 2.81 -21.11
C LEU A 38 -9.69 3.79 -22.20
N SER A 39 -10.88 3.61 -22.74
CA SER A 39 -11.47 4.61 -23.60
C SER A 39 -11.36 6.00 -22.92
N GLY A 40 -11.15 7.02 -23.75
CA GLY A 40 -11.07 8.39 -23.26
C GLY A 40 -9.70 8.99 -23.48
N LYS A 41 -9.58 10.28 -23.22
CA LYS A 41 -8.29 10.96 -23.28
C LYS A 41 -7.58 10.97 -21.91
N TRP A 42 -6.26 11.12 -21.95
CA TRP A 42 -5.43 11.11 -20.74
C TRP A 42 -4.36 12.18 -20.77
N LYS A 43 -3.68 12.37 -19.64
CA LYS A 43 -2.59 13.33 -19.51
C LYS A 43 -1.40 12.58 -18.90
N PRO A 44 -0.15 12.95 -19.24
CA PRO A 44 1.01 12.18 -18.78
C PRO A 44 1.26 12.43 -17.30
N LYS A 45 1.76 11.41 -16.61
CA LYS A 45 1.95 11.45 -15.16
C LYS A 45 2.97 10.39 -14.79
N ILE A 46 3.62 10.57 -13.65
CA ILE A 46 4.61 9.63 -13.20
C ILE A 46 4.45 9.32 -11.68
N ILE A 47 4.19 8.06 -11.34
CA ILE A 47 4.16 7.64 -9.94
C ILE A 47 5.48 6.99 -9.53
N GLY A 48 5.89 7.19 -8.28
CA GLY A 48 7.09 6.55 -7.74
C GLY A 48 6.70 5.48 -6.78
N GLY A 49 7.61 4.56 -6.54
CA GLY A 49 7.29 3.43 -5.67
C GLY A 49 8.47 3.05 -4.82
N ILE A 50 8.63 1.75 -4.62
CA ILE A 50 9.87 1.19 -4.09
C ILE A 50 10.82 1.02 -5.28
N ARG A 51 12.01 1.60 -5.15
CA ARG A 51 12.99 1.52 -6.22
C ARG A 51 12.84 2.71 -7.15
N GLY A 52 11.78 2.73 -7.96
CA GLY A 52 11.71 3.72 -9.03
C GLY A 52 10.40 4.42 -9.35
N PHE A 53 10.33 5.04 -10.53
N PHE A 53 10.35 4.98 -10.55
CA PHE A 53 9.18 5.84 -10.97
CA PHE A 53 9.20 5.70 -11.03
C PHE A 53 8.67 5.40 -12.35
C PHE A 53 8.73 5.14 -12.36
N VAL A 54 7.43 4.87 -12.44
CA VAL A 54 6.86 4.45 -13.73
C VAL A 54 6.00 5.55 -14.34
N LYS A 55 5.96 5.56 -15.67
CA LYS A 55 5.19 6.54 -16.43
C LYS A 55 3.81 5.97 -16.57
N VAL A 56 2.80 6.78 -16.31
CA VAL A 56 1.44 6.29 -16.42
C VAL A 56 0.60 7.31 -17.16
N LYS A 57 -0.53 6.84 -17.68
CA LYS A 57 -1.52 7.68 -18.32
C LYS A 57 -2.53 7.96 -17.27
N GLN A 58 -2.75 9.21 -16.93
CA GLN A 58 -3.81 9.49 -16.01
C GLN A 58 -5.11 9.70 -16.76
N TYR A 59 -6.20 9.06 -16.31
CA TYR A 59 -7.52 9.32 -16.86
C TYR A 59 -8.42 9.84 -15.76
N GLU A 60 -9.14 10.91 -16.03
CA GLU A 60 -10.06 11.52 -15.08
C GLU A 60 -11.44 10.88 -15.20
N ASP A 61 -12.32 11.17 -14.24
CA ASP A 61 -13.72 10.77 -14.33
C ASP A 61 -13.96 9.28 -14.74
N ILE A 62 -12.94 8.43 -14.65
CA ILE A 62 -13.13 6.98 -14.85
C ILE A 62 -14.07 6.37 -13.81
N LEU A 63 -15.07 5.61 -14.24
CA LEU A 63 -15.95 4.92 -13.31
C LEU A 63 -15.35 3.58 -12.98
N ILE A 64 -15.09 3.34 -11.70
CA ILE A 64 -14.65 2.03 -11.24
C ILE A 64 -15.67 1.42 -10.26
N GLU A 65 -16.15 0.22 -10.58
CA GLU A 65 -17.07 -0.46 -9.68
C GLU A 65 -16.28 -1.40 -8.78
N ILE A 66 -16.11 -1.00 -7.51
CA ILE A 66 -15.24 -1.71 -6.55
C ILE A 66 -16.01 -2.56 -5.56
N CYS A 67 -15.89 -3.86 -5.71
CA CYS A 67 -16.48 -4.79 -4.78
C CYS A 67 -17.86 -4.30 -4.38
N GLY A 68 -18.74 -4.16 -5.39
CA GLY A 68 -20.15 -3.78 -5.18
C GLY A 68 -20.44 -2.29 -5.02
N HIS A 69 -19.43 -1.49 -4.71
CA HIS A 69 -19.58 -0.05 -4.55
C HIS A 69 -18.91 0.65 -5.72
N ARG A 70 -19.66 1.49 -6.45
CA ARG A 70 -19.04 2.33 -7.48
C ARG A 70 -18.26 3.52 -6.89
N ALA A 71 -17.46 4.14 -7.76
CA ALA A 71 -16.63 5.31 -7.45
C ALA A 71 -16.05 5.81 -8.79
N VAL A 72 -16.21 7.11 -9.05
CA VAL A 72 -15.63 7.78 -10.22
C VAL A 72 -14.35 8.47 -9.76
N GLY A 73 -13.29 8.41 -10.56
CA GLY A 73 -12.02 9.01 -10.13
C GLY A 73 -10.95 9.12 -11.19
N ALA A 74 -9.82 9.74 -10.82
CA ALA A 74 -8.65 9.71 -11.66
C ALA A 74 -8.11 8.29 -11.58
N VAL A 75 -7.86 7.68 -12.72
CA VAL A 75 -7.27 6.37 -12.72
C VAL A 75 -6.04 6.44 -13.57
N LEU A 76 -4.92 5.97 -12.98
CA LEU A 76 -3.65 5.92 -13.65
C LEU A 76 -3.49 4.57 -14.29
N VAL A 77 -3.01 4.54 -15.54
CA VAL A 77 -2.85 3.29 -16.28
C VAL A 77 -1.43 3.16 -16.73
N GLY A 78 -0.76 2.06 -16.40
CA GLY A 78 0.66 1.95 -16.71
C GLY A 78 1.23 0.66 -16.20
N PRO A 79 2.49 0.37 -16.57
CA PRO A 79 3.09 -0.94 -16.33
C PRO A 79 3.39 -1.20 -14.85
N THR A 80 2.34 -1.42 -14.07
CA THR A 80 2.44 -1.80 -12.67
C THR A 80 2.21 -3.33 -12.57
N PRO A 81 2.80 -4.01 -11.61
CA PRO A 81 2.57 -5.46 -11.42
C PRO A 81 1.12 -5.87 -11.05
N ALA A 82 0.38 -4.99 -10.38
CA ALA A 82 -0.97 -5.29 -9.93
C ALA A 82 -1.82 -4.11 -10.23
N ASN A 83 -3.13 -4.31 -10.29
CA ASN A 83 -4.06 -3.21 -10.20
C ASN A 83 -4.02 -2.79 -8.73
N ILE A 84 -3.78 -1.49 -8.54
CA ILE A 84 -3.74 -0.89 -7.19
C ILE A 84 -4.84 0.13 -7.02
N ILE A 85 -5.73 -0.09 -6.07
CA ILE A 85 -6.78 0.89 -5.78
C ILE A 85 -6.23 1.81 -4.71
N GLY A 86 -5.89 3.03 -5.08
CA GLY A 86 -5.30 3.91 -4.09
C GLY A 86 -6.35 4.66 -3.28
N ARG A 87 -5.90 5.38 -2.27
CA ARG A 87 -6.74 6.16 -1.40
C ARG A 87 -7.74 7.04 -2.16
N ASN A 88 -7.33 7.59 -3.31
CA ASN A 88 -8.21 8.42 -4.15
C ASN A 88 -9.54 7.71 -4.42
N MET A 89 -9.46 6.40 -4.67
CA MET A 89 -10.66 5.56 -4.88
C MET A 89 -11.21 5.00 -3.59
N LEU A 90 -10.31 4.70 -2.67
CA LEU A 90 -10.65 4.04 -1.43
C LEU A 90 -11.49 4.92 -0.49
N THR A 91 -11.28 6.25 -0.54
CA THR A 91 -12.11 7.16 0.27
C THR A 91 -13.57 7.18 -0.19
N GLN A 92 -13.80 6.99 -1.48
CA GLN A 92 -15.14 7.01 -2.03
C GLN A 92 -15.98 5.76 -1.73
N ILE A 93 -15.39 4.59 -1.76
CA ILE A 93 -16.15 3.44 -1.31
C ILE A 93 -16.29 3.43 0.22
N GLY A 94 -15.89 4.53 0.87
CA GLY A 94 -15.86 4.65 2.33
C GLY A 94 -14.99 3.65 3.07
N CYS A 95 -13.79 3.42 2.55
CA CYS A 95 -12.91 2.41 3.13
C CYS A 95 -11.99 2.97 4.22
N THR A 96 -11.97 2.34 5.38
CA THR A 96 -11.11 2.78 6.48
C THR A 96 -10.24 1.67 7.00
N LEU A 97 -9.09 2.03 7.56
CA LEU A 97 -8.27 1.10 8.28
C LEU A 97 -8.78 1.02 9.69
N ASN A 98 -8.75 -0.19 10.27
CA ASN A 98 -9.43 -0.46 11.53
C ASN A 98 -8.73 -1.41 12.51
N PHE A 99 -8.28 -0.84 13.63
CA PHE A 99 -7.60 -1.64 14.67
C PHE A 99 -7.83 -1.12 16.10
N PRO B 1 -7.97 2.44 16.50
CA PRO B 1 -8.79 3.54 15.98
C PRO B 1 -9.36 3.24 14.58
N GLN B 2 -10.00 4.22 13.98
CA GLN B 2 -10.51 4.07 12.64
C GLN B 2 -9.86 5.18 11.83
N ILE B 3 -8.98 4.81 10.90
CA ILE B 3 -8.24 5.77 10.09
C ILE B 3 -8.91 5.89 8.70
N THR B 4 -9.46 7.07 8.38
CA THR B 4 -10.00 7.28 7.03
C THR B 4 -8.80 7.53 6.13
N LEU B 5 -9.06 7.48 4.83
CA LEU B 5 -7.95 7.47 3.89
C LEU B 5 -7.87 8.75 3.09
N TRP B 6 -8.53 9.79 3.58
CA TRP B 6 -8.41 11.11 2.95
C TRP B 6 -6.97 11.64 2.98
N LYS B 7 -6.22 11.36 4.03
CA LYS B 7 -4.77 11.61 3.98
C LYS B 7 -3.98 10.29 4.12
N ARG B 8 -2.68 10.33 3.95
CA ARG B 8 -1.91 9.10 4.04
C ARG B 8 -2.13 8.61 5.46
N PRO B 9 -2.41 7.30 5.66
CA PRO B 9 -2.59 6.75 7.01
C PRO B 9 -1.25 6.55 7.72
N ILE B 10 -0.59 7.64 8.08
CA ILE B 10 0.71 7.60 8.79
C ILE B 10 0.44 7.41 10.27
N VAL B 11 1.19 6.56 10.94
CA VAL B 11 1.01 6.39 12.37
C VAL B 11 2.35 6.43 13.08
N THR B 12 2.30 6.68 14.39
CA THR B 12 3.51 6.67 15.21
C THR B 12 3.89 5.23 15.50
N ILE B 13 5.16 4.91 15.29
CA ILE B 13 5.69 3.64 15.70
C ILE B 13 6.89 3.87 16.58
N LYS B 14 7.21 2.85 17.36
CA LYS B 14 8.31 2.91 18.30
C LYS B 14 9.08 1.66 18.05
N VAL B 15 10.27 1.82 17.50
CA VAL B 15 11.14 0.69 17.22
C VAL B 15 12.45 0.98 17.95
N GLU B 16 12.69 0.23 19.02
CA GLU B 16 13.93 0.25 19.76
C GLU B 16 14.30 1.66 20.18
N GLY B 17 13.51 2.27 21.07
CA GLY B 17 13.82 3.62 21.57
C GLY B 17 13.81 4.70 20.48
N GLN B 18 13.33 4.35 19.29
CA GLN B 18 13.21 5.32 18.25
C GLN B 18 11.79 5.49 17.78
N LEU B 19 11.35 6.73 17.85
CA LEU B 19 10.02 7.05 17.38
C LEU B 19 10.14 7.29 15.92
N ARG B 20 9.27 6.66 15.16
CA ARG B 20 9.16 6.99 13.77
C ARG B 20 7.73 7.16 13.39
N GLU B 21 7.55 7.70 12.21
CA GLU B 21 6.26 7.68 11.59
C GLU B 21 6.20 6.69 10.42
N ALA B 22 5.29 5.77 10.49
CA ALA B 22 5.20 4.77 9.47
C ALA B 22 3.84 4.82 8.82
N LEU B 23 3.75 4.44 7.56
CA LEU B 23 2.51 4.47 6.82
C LEU B 23 1.94 3.06 6.90
N LEU B 24 0.68 2.97 7.28
CA LEU B 24 -0.03 1.67 7.37
C LEU B 24 -0.43 1.28 5.97
N ASP B 25 0.18 0.23 5.47
CA ASP B 25 0.11 0.00 4.02
C ASP B 25 -0.48 -1.34 3.63
N THR B 26 -1.75 -1.38 3.23
CA THR B 26 -2.36 -2.68 2.94
C THR B 26 -1.81 -3.33 1.69
N GLY B 27 -1.17 -2.52 0.85
CA GLY B 27 -0.55 -3.00 -0.38
C GLY B 27 0.90 -3.41 -0.21
N ALA B 28 1.31 -3.72 1.03
CA ALA B 28 2.68 -4.19 1.29
C ALA B 28 2.69 -5.51 2.06
N ASP B 29 3.32 -6.53 1.49
CA ASP B 29 3.39 -7.82 2.15
C ASP B 29 4.16 -7.64 3.41
N ASP B 30 5.24 -6.89 3.28
CA ASP B 30 6.24 -6.78 4.31
C ASP B 30 6.26 -5.38 4.89
N THR B 31 7.00 -5.22 5.98
CA THR B 31 7.20 -3.95 6.64
C THR B 31 8.59 -3.46 6.36
N VAL B 32 8.70 -2.23 5.89
CA VAL B 32 10.00 -1.72 5.44
C VAL B 32 10.32 -0.47 6.17
N LEU B 33 11.42 -0.50 6.89
CA LEU B 33 11.80 0.67 7.63
C LEU B 33 12.96 1.38 6.98
N GLU B 34 12.78 2.68 6.89
CA GLU B 34 13.65 3.54 6.14
C GLU B 34 14.85 4.00 6.95
N ASP B 35 15.99 3.37 6.61
CA ASP B 35 17.35 3.80 6.99
C ASP B 35 17.55 4.02 8.50
N ILE B 36 16.97 3.14 9.32
CA ILE B 36 17.14 3.24 10.78
C ILE B 36 17.71 1.98 11.44
N ASN B 37 19.01 2.04 11.73
CA ASN B 37 19.75 0.90 12.28
C ASN B 37 19.03 0.11 13.37
N LEU B 38 18.94 -1.20 13.15
CA LEU B 38 18.36 -2.08 14.13
C LEU B 38 19.43 -2.99 14.67
N SER B 39 19.66 -2.90 15.97
CA SER B 39 20.43 -3.89 16.67
C SER B 39 19.94 -5.30 16.28
N GLY B 40 20.86 -6.24 16.21
CA GLY B 40 20.55 -7.62 15.88
C GLY B 40 21.18 -8.05 14.58
N LYS B 41 21.10 -9.34 14.29
CA LYS B 41 21.53 -9.89 13.00
C LYS B 41 20.38 -9.93 11.98
N TRP B 42 20.75 -9.94 10.70
CA TRP B 42 19.79 -9.95 9.60
C TRP B 42 20.18 -10.93 8.50
N LYS B 43 19.29 -11.11 7.53
CA LYS B 43 19.53 -11.96 6.36
C LYS B 43 19.15 -11.14 5.12
N PRO B 44 19.82 -11.35 3.99
CA PRO B 44 19.58 -10.50 2.81
C PRO B 44 18.26 -10.81 2.14
N LYS B 45 17.62 -9.79 1.59
CA LYS B 45 16.27 -9.92 1.04
C LYS B 45 16.06 -8.79 0.06
N ILE B 46 15.12 -8.98 -0.85
CA ILE B 46 14.86 -7.99 -1.88
C ILE B 46 13.32 -7.83 -2.08
N ILE B 47 12.78 -6.64 -1.83
CA ILE B 47 11.37 -6.34 -2.10
C ILE B 47 11.22 -5.59 -3.41
N GLY B 48 10.14 -5.86 -4.14
CA GLY B 48 9.87 -5.14 -5.37
C GLY B 48 8.72 -4.20 -5.18
N GLY B 49 8.65 -3.19 -6.02
CA GLY B 49 7.63 -2.17 -5.86
C GLY B 49 7.04 -1.76 -7.18
N ILE B 50 6.74 -0.47 -7.28
CA ILE B 50 6.46 0.16 -8.57
C ILE B 50 7.82 0.50 -9.19
N ARG B 51 8.04 0.01 -10.40
CA ARG B 51 9.30 0.27 -11.08
C ARG B 51 10.29 -0.84 -10.79
N GLY B 52 10.85 -0.84 -9.58
CA GLY B 52 11.97 -1.72 -9.28
C GLY B 52 12.01 -2.54 -8.00
N PHE B 53 13.19 -3.02 -7.70
N PHE B 53 13.18 -3.07 -7.68
CA PHE B 53 13.43 -3.83 -6.53
CA PHE B 53 13.39 -3.97 -6.53
C PHE B 53 14.54 -3.23 -5.70
C PHE B 53 14.56 -3.50 -5.65
N VAL B 54 14.30 -3.09 -4.40
CA VAL B 54 15.36 -2.63 -3.51
C VAL B 54 15.86 -3.76 -2.63
N LYS B 55 17.11 -3.63 -2.20
CA LYS B 55 17.76 -4.64 -1.38
C LYS B 55 17.51 -4.20 0.04
N VAL B 56 17.10 -5.13 0.89
CA VAL B 56 16.82 -4.79 2.27
C VAL B 56 17.43 -5.82 3.20
N LYS B 57 17.59 -5.41 4.46
CA LYS B 57 18.05 -6.31 5.50
C LYS B 57 16.80 -6.80 6.17
N GLN B 58 16.60 -8.09 6.24
CA GLN B 58 15.47 -8.53 7.01
C GLN B 58 15.91 -8.81 8.44
N TYR B 59 15.14 -8.34 9.41
CA TYR B 59 15.39 -8.68 10.80
C TYR B 59 14.15 -9.37 11.34
N GLU B 60 14.34 -10.49 12.01
CA GLU B 60 13.24 -11.24 12.58
C GLU B 60 12.94 -10.75 13.99
N ASP B 61 11.83 -11.21 14.57
CA ASP B 61 11.54 -10.95 15.99
C ASP B 61 11.74 -9.47 16.45
N ILE B 62 11.76 -8.52 15.52
CA ILE B 62 11.80 -7.09 15.86
C ILE B 62 10.50 -6.69 16.54
N LEU B 63 10.59 -5.98 17.66
CA LEU B 63 9.40 -5.47 18.34
C LEU B 63 9.09 -4.09 17.81
N ILE B 64 7.92 -3.94 17.23
CA ILE B 64 7.45 -2.62 16.82
C ILE B 64 6.21 -2.19 17.60
N GLU B 65 6.27 -1.02 18.21
CA GLU B 65 5.13 -0.52 18.94
C GLU B 65 4.36 0.42 18.02
N ILE B 66 3.22 -0.06 17.51
CA ILE B 66 2.46 0.67 16.48
C ILE B 66 1.21 1.35 17.04
N CYS B 67 1.23 2.67 17.04
CA CYS B 67 0.09 3.45 17.48
C CYS B 67 -0.56 2.79 18.70
N GLY B 68 0.24 2.61 19.75
CA GLY B 68 -0.28 2.08 21.03
C GLY B 68 -0.37 0.56 21.17
N HIS B 69 -0.38 -0.16 20.06
CA HIS B 69 -0.40 -1.63 20.06
C HIS B 69 0.97 -2.14 19.65
N ARG B 70 1.58 -2.98 20.49
CA ARG B 70 2.79 -3.66 20.06
C ARG B 70 2.54 -4.80 19.08
N ALA B 71 3.64 -5.28 18.48
CA ALA B 71 3.67 -6.37 17.51
C ALA B 71 5.15 -6.71 17.25
N VAL B 72 5.50 -8.00 17.34
CA VAL B 72 6.83 -8.51 17.03
C VAL B 72 6.74 -9.08 15.63
N GLY B 73 7.76 -8.87 14.80
CA GLY B 73 7.72 -9.39 13.43
C GLY B 73 9.02 -9.31 12.67
N ALA B 74 9.03 -9.85 11.46
CA ALA B 74 10.12 -9.62 10.55
C ALA B 74 10.02 -8.15 10.12
N VAL B 75 11.13 -7.43 10.21
CA VAL B 75 11.12 -6.09 9.74
C VAL B 75 12.22 -5.96 8.73
N LEU B 76 11.88 -5.44 7.55
CA LEU B 76 12.85 -5.17 6.50
C LEU B 76 13.38 -3.75 6.65
N VAL B 77 14.69 -3.59 6.47
CA VAL B 77 15.30 -2.27 6.61
C VAL B 77 16.08 -1.94 5.36
N GLY B 78 15.79 -0.83 4.72
CA GLY B 78 16.40 -0.53 3.44
C GLY B 78 15.99 0.81 2.89
N PRO B 79 16.60 1.23 1.78
CA PRO B 79 16.40 2.58 1.24
C PRO B 79 15.04 2.75 0.57
N THR B 80 14.00 2.83 1.40
CA THR B 80 12.63 3.07 0.96
C THR B 80 12.32 4.53 1.32
N PRO B 81 11.44 5.20 0.58
CA PRO B 81 11.08 6.58 0.87
C PRO B 81 10.32 6.80 2.19
N ALA B 82 9.63 5.77 2.67
CA ALA B 82 8.83 5.92 3.88
C ALA B 82 9.01 4.68 4.70
N ASN B 83 8.69 4.79 5.99
CA ASN B 83 8.48 3.60 6.78
C ASN B 83 7.15 3.01 6.34
N ILE B 84 7.21 1.73 6.01
CA ILE B 84 6.00 1.02 5.57
C ILE B 84 5.64 -0.10 6.51
N ILE B 85 4.48 -0.03 7.14
CA ILE B 85 4.01 -1.12 7.97
C ILE B 85 3.17 -2.03 7.11
N GLY B 86 3.75 -3.17 6.73
CA GLY B 86 3.05 -4.10 5.84
C GLY B 86 2.06 -5.00 6.55
N ARG B 87 1.27 -5.74 5.80
CA ARG B 87 0.31 -6.69 6.36
C ARG B 87 0.92 -7.61 7.46
N ASN B 88 2.17 -8.05 7.30
CA ASN B 88 2.83 -8.86 8.32
C ASN B 88 2.71 -8.26 9.70
N MET B 89 2.81 -6.94 9.80
CA MET B 89 2.65 -6.22 11.07
C MET B 89 1.22 -5.83 11.31
N LEU B 90 0.51 -5.54 10.23
CA LEU B 90 -0.85 -5.01 10.30
C LEU B 90 -1.86 -6.03 10.82
N THR B 91 -1.63 -7.33 10.56
CA THR B 91 -2.53 -8.38 11.08
C THR B 91 -2.43 -8.51 12.61
N GLN B 92 -1.24 -8.24 13.16
CA GLN B 92 -1.02 -8.35 14.59
C GLN B 92 -1.64 -7.21 15.42
N ILE B 93 -1.60 -6.00 14.92
CA ILE B 93 -2.32 -4.97 15.63
C ILE B 93 -3.83 -5.08 15.36
N GLY B 94 -4.24 -6.19 14.73
CA GLY B 94 -5.64 -6.43 14.34
C GLY B 94 -6.25 -5.40 13.42
N CYS B 95 -5.53 -5.00 12.39
CA CYS B 95 -5.96 -3.95 11.50
C CYS B 95 -6.72 -4.48 10.28
N THR B 96 -7.90 -3.93 9.99
CA THR B 96 -8.71 -4.39 8.86
C THR B 96 -9.13 -3.25 7.96
N LEU B 97 -9.34 -3.55 6.69
CA LEU B 97 -9.92 -2.60 5.77
C LEU B 97 -11.42 -2.67 5.91
N ASN B 98 -12.08 -1.51 5.81
CA ASN B 98 -13.48 -1.40 6.18
C ASN B 98 -14.35 -0.47 5.32
N PHE B 99 -15.27 -1.08 4.58
CA PHE B 99 -16.19 -0.31 3.75
C PHE B 99 -17.57 -0.98 3.54
C31 3TL C . 2.56 9.43 -6.23
C31 3TL C . 3.64 9.41 -6.23
O8 3TL C . 3.15 8.84 -7.14
O8 3TL C . 4.65 8.87 -6.69
O9 3TL C . 2.00 10.73 -6.53
O9 3TL C . 3.14 10.70 -6.75
CA 3TL C . 2.77 11.71 -7.27
CA 3TL C . 3.69 11.36 -7.93
C 3TL C . 4.19 11.92 -6.73
C 3TL C . 4.82 12.31 -7.58
C13 3TL C . 5.27 11.97 -7.61
C13 3TL C . 5.64 12.81 -8.57
C14 3TL C . 6.58 12.15 -7.14
C14 3TL C . 6.70 13.67 -8.26
C15 3TL C . 6.84 12.29 -5.77
C15 3TL C . 6.97 14.06 -6.93
C16 3TL C . 5.76 12.24 -4.88
C16 3TL C . 6.15 13.55 -5.93
C17 3TL C . 4.44 12.06 -5.36
C17 3TL C . 5.09 12.69 -6.26
N4 3TL C . 2.48 8.89 -5.02
N4 3TL C . 3.00 8.82 -5.18
C18 3TL C . 3.37 7.77 -4.69
C18 3TL C . 3.66 7.66 -4.55
C19 3TL C . 2.63 6.49 -4.47
C19 3TL C . 2.79 6.45 -4.34
O4 3TL C . 1.61 6.49 -3.80
O4 3TL C . 1.74 6.59 -3.74
C20 3TL C . 4.19 8.04 -3.42
C20 3TL C . 4.17 8.05 -3.16
N2 3TL C . 3.16 5.39 -5.04
N2 3TL C . 3.24 5.28 -4.82
C10 3TL C . 2.53 4.07 -4.92
C10 3TL C . 2.47 4.04 -4.71
C11 3TL C . 3.45 3.09 -4.24
C11 3TL C . 3.38 2.94 -4.18
O2 3TL C . 4.50 2.73 -4.77
O2 3TL C . 3.87 2.11 -4.96
C12 3TL C . 2.11 3.50 -6.29
C12 3TL C . 1.89 3.67 -6.08
CG2 3TL C . 1.40 4.50 -7.18
CG2 3TL C . 0.98 4.75 -6.65
CG1 3TL C . 1.24 2.27 -6.12
CG1 3TL C . 1.14 2.34 -6.11
C2 3TL C . 2.98 0.47 -1.85
C2 3TL C . 3.60 1.02 -1.36
O1 3TL C . 1.81 0.86 -1.15
O1 3TL C . 2.97 1.94 -0.50
C1 3TL C . 3.81 1.73 -2.19
C1 3TL C . 4.46 1.89 -2.27
N1 3TL C . 3.04 2.64 -3.03
N1 3TL C . 3.65 2.94 -2.87
C3 3TL C . 4.31 2.42 -0.92
C3 3TL C . 5.66 2.35 -1.45
C4 3TL C . 5.44 3.39 -1.20
C4 3TL C . 6.02 3.83 -1.36
C5 3TL C . 5.17 4.76 -1.28
C5 3TL C . 5.92 4.47 -0.12
C9 3TL C . 6.76 2.95 -1.39
C9 3TL C . 6.51 4.53 -2.46
C6 3TL C . 6.19 5.67 -1.53
C6 3TL C . 6.26 5.82 0.03
C8 3TL C . 7.78 3.86 -1.64
C8 3TL C . 6.85 5.89 -2.32
C7 3TL C . 7.49 5.22 -1.73
C7 3TL C . 6.73 6.53 -1.08
N51 3TL C . 4.26 -2.32 -3.05
N51 3TL C . 3.77 -1.98 -2.25
C51 3TL C . 3.75 -1.13 -3.73
C51 3TL C . 3.05 -0.93 -2.96
C52 3TL C . 2.59 -0.44 -3.04
C52 3TL C . 2.50 0.19 -2.06
O51 3TL C . 1.68 -1.45 -2.65
O51 3TL C . 1.60 -0.42 -1.13
C53 3TL C . 3.36 -1.38 -5.19
C53 3TL C . 1.93 -1.57 -3.75
C54 3TL C . 3.25 -2.80 -5.65
C54 3TL C . 2.54 -2.36 -4.86
C55 3TL C . 4.41 -3.52 -6.01
C55 3TL C . 2.92 -1.72 -6.04
C59 3TL C . 1.99 -3.38 -5.78
C59 3TL C . 2.76 -3.73 -4.69
C56 3TL C . 4.29 -4.84 -6.49
C56 3TL C . 3.49 -2.45 -7.08
C58 3TL C . 1.87 -4.70 -6.25
C58 3TL C . 3.35 -4.47 -5.73
C57 3TL C . 3.01 -5.42 -6.60
C57 3TL C . 3.71 -3.83 -6.93
N52 3TL C . 5.72 -4.56 -2.03
N52 3TL C . 6.10 -4.44 -2.27
C60 3TL C . 5.54 -3.33 -1.28
C60 3TL C . 5.71 -3.23 -1.57
C61 3TL C . 5.36 -2.24 -2.30
C61 3TL C . 5.05 -2.26 -2.51
O52 3TL C . 6.19 -1.34 -2.45
O52 3TL C . 5.65 -1.77 -3.46
C62 3TL C . 6.76 -3.11 -0.35
C62 3TL C . 6.90 -2.57 -0.83
CG6 3TL C . 7.19 -4.38 0.37
CG6 3TL C . 7.90 -3.54 -0.24
CG5 3TL C . 6.57 -2.04 0.70
CG5 3TL C . 6.47 -1.72 0.34
N54 3TL C . 5.92 -7.80 -2.25
N54 3TL C . 6.39 -8.03 -2.02
C68 3TL C . 5.28 -6.70 -2.94
C68 3TL C . 6.04 -6.80 -2.71
C69 3TL C . 4.93 -5.63 -1.96
C69 3TL C . 5.87 -5.65 -1.77
O54 3TL C . 4.01 -5.78 -1.16
O54 3TL C . 5.55 -5.85 -0.59
C70 3TL C . 4.07 -7.22 -3.69
C70 3TL C . 4.80 -7.02 -3.57
C81 3TL C . 7.17 -8.09 -2.59
C81 3TL C . 7.67 -8.41 -2.03
O58 3TL C . 7.88 -7.31 -3.23
O58 3TL C . 8.50 -7.85 -2.74
O59 3TL C . 7.67 -9.38 -2.16
O59 3TL C . 8.10 -9.53 -1.21
CA5 3TL C . 9.07 -9.67 -2.07
CA5 3TL C . 8.97 -10.55 -1.75
C50 3TL C . 9.52 -10.53 -3.23
C50 3TL C . 8.68 -10.87 -3.21
C63 3TL C . 10.88 -10.61 -3.55
C63 3TL C . 9.75 -10.94 -4.11
C64 3TL C . 11.31 -11.40 -4.61
C64 3TL C . 9.52 -11.24 -5.46
C65 3TL C . 10.39 -12.11 -5.38
C65 3TL C . 8.21 -11.45 -5.92
C66 3TL C . 9.03 -12.03 -5.06
C66 3TL C . 7.14 -11.38 -5.02
C67 3TL C . 8.60 -11.23 -3.98
C67 3TL C . 7.38 -11.09 -3.67
#